data_4WV4
#
_entry.id   4WV4
#
_cell.length_a   51.320
_cell.length_b   51.320
_cell.length_c   144.400
_cell.angle_alpha   90.00
_cell.angle_beta   90.00
_cell.angle_gamma   120.00
#
_symmetry.space_group_name_H-M   'P 31 2 1'
#
loop_
_entity.id
_entity.type
_entity.pdbx_description
1 polymer 'Transcription initiation factor TFIID subunit 10'
2 polymer 'Transcription initiation factor TFIID subunit 8'
3 non-polymer GLYCEROL
4 non-polymer 'CHLORIDE ION'
5 water water
#
loop_
_entity_poly.entity_id
_entity_poly.type
_entity_poly.pdbx_seq_one_letter_code
_entity_poly.pdbx_strand_id
1 'polypeptide(L)'
;GSSTPLVDFLMQLEDYTPTIPDAVTGYYLNRAGFEASDPRIIRLISLAAQKFISDIANDALQHCKMKGTASGSSRSKSKD
RKYTLTMEDLTPALSEYGINVK
;
A
2 'polypeptide(L)'
;MPADNYHLARRRTLQVVVSSLLTEAGFESAEKASVETLTEMLQSYISEIGRSAKSYCEHTARTQPTLSDIVVTLVEMGFN
VDTLPAYAKRSQRMVIT
;
B
#
loop_
_chem_comp.id
_chem_comp.type
_chem_comp.name
_chem_comp.formula
CL non-polymer 'CHLORIDE ION' 'Cl -1'
GOL non-polymer GLYCEROL 'C3 H8 O3'
#
# COMPACT_ATOMS: atom_id res chain seq x y z
N SER A 3 10.61 -17.43 -14.86
CA SER A 3 11.24 -17.94 -13.64
C SER A 3 11.89 -16.81 -12.86
N THR A 4 11.80 -16.89 -11.53
CA THR A 4 12.39 -15.89 -10.63
C THR A 4 11.80 -14.48 -10.78
N PRO A 5 10.52 -14.36 -11.17
CA PRO A 5 10.01 -12.99 -11.33
C PRO A 5 9.98 -12.20 -10.03
N LEU A 6 9.98 -12.91 -8.90
CA LEU A 6 9.86 -12.27 -7.59
C LEU A 6 11.19 -11.72 -7.10
N VAL A 7 12.25 -12.52 -7.17
CA VAL A 7 13.56 -12.06 -6.70
C VAL A 7 14.10 -10.98 -7.63
N ASP A 8 13.76 -11.08 -8.92
CA ASP A 8 14.10 -10.03 -9.87
C ASP A 8 13.48 -8.71 -9.43
N PHE A 9 12.25 -8.78 -8.94
CA PHE A 9 11.55 -7.61 -8.45
C PHE A 9 12.20 -7.07 -7.18
N LEU A 10 12.54 -7.97 -6.26
CA LEU A 10 13.12 -7.59 -4.98
C LEU A 10 14.47 -6.89 -5.13
N MET A 11 15.27 -7.34 -6.09
CA MET A 11 16.61 -6.80 -6.30
C MET A 11 16.57 -5.35 -6.76
N GLN A 12 15.72 -5.07 -7.74
CA GLN A 12 15.65 -3.74 -8.34
C GLN A 12 14.68 -2.82 -7.60
N LEU A 13 14.41 -3.13 -6.34
CA LEU A 13 13.60 -2.26 -5.50
C LEU A 13 14.31 -0.92 -5.31
N GLU A 14 15.64 -0.97 -5.29
CA GLU A 14 16.45 0.24 -5.14
C GLU A 14 16.22 1.19 -6.31
N ASP A 15 15.83 0.63 -7.46
CA ASP A 15 15.59 1.43 -8.66
C ASP A 15 14.24 2.12 -8.60
N TYR A 16 13.20 1.40 -8.16
CA TYR A 16 11.86 1.95 -8.08
C TYR A 16 11.79 3.12 -7.11
N THR A 17 11.01 4.13 -7.49
CA THR A 17 10.67 5.23 -6.60
C THR A 17 9.16 5.25 -6.43
N PRO A 18 8.66 4.62 -5.35
CA PRO A 18 7.21 4.54 -5.17
C PRO A 18 6.56 5.92 -5.06
N THR A 19 5.24 5.97 -5.25
CA THR A 19 4.49 7.21 -5.14
C THR A 19 4.54 7.74 -3.71
N ILE A 20 4.47 6.84 -2.75
CA ILE A 20 4.63 7.19 -1.34
C ILE A 20 6.11 7.43 -1.04
N PRO A 21 6.46 8.62 -0.54
CA PRO A 21 7.86 8.82 -0.16
C PRO A 21 8.31 7.86 0.93
N ASP A 22 9.57 7.45 0.89
CA ASP A 22 10.13 6.53 1.88
C ASP A 22 9.92 7.05 3.30
N ALA A 23 10.06 8.36 3.45
CA ALA A 23 9.96 9.00 4.76
C ALA A 23 8.59 8.77 5.38
N VAL A 24 7.55 8.85 4.54
CA VAL A 24 6.17 8.74 5.03
C VAL A 24 5.87 7.31 5.45
N THR A 25 6.23 6.36 4.60
CA THR A 25 6.11 4.95 4.94
C THR A 25 6.92 4.68 6.20
N GLY A 26 8.14 5.22 6.25
CA GLY A 26 9.01 5.04 7.39
C GLY A 26 8.36 5.52 8.67
N TYR A 27 7.72 6.69 8.61
CA TYR A 27 7.09 7.29 9.78
C TYR A 27 6.04 6.37 10.39
N TYR A 28 5.20 5.79 9.54
CA TYR A 28 4.10 4.97 10.03
C TYR A 28 4.59 3.59 10.48
N LEU A 29 5.71 3.14 9.91
CA LEU A 29 6.33 1.89 10.34
C LEU A 29 7.00 2.08 11.69
N ASN A 30 7.82 3.12 11.79
CA ASN A 30 8.49 3.45 13.05
C ASN A 30 7.49 3.73 14.16
N ARG A 31 6.26 4.09 13.77
CA ARG A 31 5.20 4.33 14.73
C ARG A 31 4.62 3.03 15.27
N ALA A 32 4.65 2.00 14.44
CA ALA A 32 4.25 0.66 14.87
C ALA A 32 5.41 -0.07 15.53
N GLY A 33 6.56 0.60 15.61
CA GLY A 33 7.73 0.05 16.27
C GLY A 33 8.64 -0.76 15.36
N PHE A 34 8.37 -0.73 14.06
CA PHE A 34 9.22 -1.44 13.10
C PHE A 34 10.24 -0.50 12.47
N GLU A 35 11.45 -1.01 12.27
CA GLU A 35 12.54 -0.22 11.72
C GLU A 35 13.44 -1.09 10.85
N ALA A 36 13.91 -0.52 9.74
CA ALA A 36 14.78 -1.26 8.82
C ALA A 36 15.76 -0.33 8.12
N SER A 37 17.02 -0.74 8.05
CA SER A 37 18.06 0.07 7.44
C SER A 37 18.07 -0.12 5.93
N ASP A 38 17.72 -1.33 5.48
CA ASP A 38 17.64 -1.61 4.06
C ASP A 38 16.50 -0.79 3.45
N PRO A 39 16.83 0.20 2.61
CA PRO A 39 15.74 1.03 2.06
C PRO A 39 14.84 0.27 1.09
N ARG A 40 15.29 -0.90 0.64
CA ARG A 40 14.48 -1.75 -0.23
C ARG A 40 13.28 -2.30 0.54
N ILE A 41 13.45 -2.47 1.84
CA ILE A 41 12.37 -2.94 2.71
C ILE A 41 11.26 -1.88 2.76
N ILE A 42 11.65 -0.63 2.95
CA ILE A 42 10.70 0.48 2.93
C ILE A 42 9.94 0.50 1.62
N ARG A 43 10.67 0.38 0.52
CA ARG A 43 10.05 0.48 -0.80
C ARG A 43 9.12 -0.69 -1.06
N LEU A 44 9.52 -1.89 -0.63
CA LEU A 44 8.65 -3.06 -0.76
C LEU A 44 7.32 -2.81 -0.07
N ILE A 45 7.39 -2.29 1.15
CA ILE A 45 6.21 -2.03 1.95
C ILE A 45 5.35 -0.92 1.33
N SER A 46 6.00 0.12 0.81
CA SER A 46 5.29 1.19 0.11
C SER A 46 4.48 0.66 -1.06
N LEU A 47 5.09 -0.22 -1.84
CA LEU A 47 4.44 -0.77 -3.01
C LEU A 47 3.31 -1.71 -2.63
N ALA A 48 3.50 -2.49 -1.56
CA ALA A 48 2.44 -3.37 -1.08
C ALA A 48 1.25 -2.55 -0.60
N ALA A 49 1.53 -1.45 0.09
CA ALA A 49 0.47 -0.58 0.60
C ALA A 49 -0.27 0.07 -0.56
N GLN A 50 0.48 0.53 -1.56
CA GLN A 50 -0.11 1.10 -2.75
C GLN A 50 -1.02 0.10 -3.43
N LYS A 51 -0.56 -1.13 -3.59
CA LYS A 51 -1.35 -2.13 -4.29
C LYS A 51 -2.62 -2.46 -3.51
N PHE A 52 -2.50 -2.47 -2.18
CA PHE A 52 -3.64 -2.71 -1.30
C PHE A 52 -4.76 -1.73 -1.63
N ILE A 53 -4.41 -0.46 -1.80
CA ILE A 53 -5.39 0.57 -2.18
C ILE A 53 -5.83 0.43 -3.64
N SER A 54 -4.89 0.11 -4.53
CA SER A 54 -5.21 -0.07 -5.94
C SER A 54 -6.22 -1.19 -6.15
N ASP A 55 -6.05 -2.28 -5.40
CA ASP A 55 -6.98 -3.41 -5.49
C ASP A 55 -8.40 -2.97 -5.11
N ILE A 56 -8.50 -2.20 -4.04
CA ILE A 56 -9.79 -1.68 -3.59
C ILE A 56 -10.40 -0.75 -4.65
N ALA A 57 -9.56 0.11 -5.22
CA ALA A 57 -10.02 1.04 -6.26
C ALA A 57 -10.54 0.28 -7.48
N ASN A 58 -9.83 -0.78 -7.87
CA ASN A 58 -10.24 -1.58 -9.01
C ASN A 58 -11.54 -2.33 -8.70
N ASP A 59 -11.66 -2.82 -7.47
CA ASP A 59 -12.87 -3.48 -7.03
C ASP A 59 -14.05 -2.50 -7.09
N ALA A 60 -13.81 -1.27 -6.65
CA ALA A 60 -14.82 -0.23 -6.68
C ALA A 60 -15.23 0.10 -8.11
N LEU A 61 -14.24 0.18 -9.00
CA LEU A 61 -14.53 0.51 -10.39
C LEU A 61 -15.44 -0.53 -11.01
N GLN A 62 -15.17 -1.80 -10.73
CA GLN A 62 -15.99 -2.88 -11.25
C GLN A 62 -17.44 -2.73 -10.82
N HIS A 63 -17.65 -2.22 -9.61
CA HIS A 63 -18.99 -1.93 -9.12
C HIS A 63 -19.58 -0.74 -9.88
N CYS A 64 -18.76 0.28 -10.08
CA CYS A 64 -19.20 1.48 -10.79
C CYS A 64 -19.62 1.14 -12.21
N LYS A 65 -18.98 0.12 -12.78
CA LYS A 65 -19.33 -0.33 -14.13
C LYS A 65 -20.68 -1.05 -14.12
N MET A 66 -21.12 -1.46 -12.93
CA MET A 66 -22.46 -2.00 -12.76
C MET A 66 -23.42 -0.88 -12.37
N LYS A 67 -24.06 -0.28 -13.38
CA LYS A 67 -24.95 0.85 -13.18
C LYS A 67 -26.40 0.45 -13.40
N LYS A 82 -14.77 10.37 -16.75
CA LYS A 82 -15.90 9.56 -17.20
C LYS A 82 -16.33 8.58 -16.10
N TYR A 83 -15.50 8.43 -15.08
CA TYR A 83 -15.82 7.59 -13.93
C TYR A 83 -15.55 8.31 -12.61
N THR A 84 -16.56 8.31 -11.74
CA THR A 84 -16.48 8.94 -10.43
C THR A 84 -16.57 7.90 -9.32
N LEU A 85 -15.58 7.88 -8.43
CA LEU A 85 -15.63 6.98 -7.29
C LEU A 85 -16.60 7.52 -6.25
N THR A 86 -17.64 6.72 -5.98
CA THR A 86 -18.64 7.07 -4.97
C THR A 86 -18.58 6.07 -3.83
N MET A 87 -19.12 6.46 -2.68
CA MET A 87 -19.17 5.58 -1.53
C MET A 87 -20.06 4.37 -1.83
N GLU A 88 -21.04 4.57 -2.70
CA GLU A 88 -21.91 3.48 -3.13
C GLU A 88 -21.08 2.34 -3.73
N ASP A 89 -20.05 2.71 -4.47
CA ASP A 89 -19.20 1.71 -5.12
C ASP A 89 -18.04 1.30 -4.24
N LEU A 90 -17.56 2.20 -3.38
CA LEU A 90 -16.43 1.89 -2.54
C LEU A 90 -16.82 1.02 -1.36
N THR A 91 -18.01 1.25 -0.81
CA THR A 91 -18.45 0.54 0.39
C THR A 91 -18.37 -0.97 0.23
N PRO A 92 -18.98 -1.54 -0.83
CA PRO A 92 -18.91 -2.99 -0.97
C PRO A 92 -17.48 -3.52 -1.07
N ALA A 93 -16.56 -2.70 -1.55
CA ALA A 93 -15.17 -3.13 -1.72
C ALA A 93 -14.42 -3.22 -0.40
N LEU A 94 -15.07 -2.86 0.69
CA LEU A 94 -14.45 -2.84 2.02
C LEU A 94 -14.92 -3.98 2.91
N SER A 95 -15.66 -4.92 2.32
CA SER A 95 -16.34 -5.96 3.08
C SER A 95 -15.37 -6.85 3.87
N GLU A 96 -14.16 -7.02 3.36
CA GLU A 96 -13.17 -7.87 4.02
C GLU A 96 -12.36 -7.12 5.07
N TYR A 97 -12.59 -5.82 5.21
CA TYR A 97 -11.73 -4.97 6.04
C TYR A 97 -12.49 -4.23 7.14
N GLY A 98 -13.58 -4.82 7.62
CA GLY A 98 -14.38 -4.21 8.66
C GLY A 98 -14.03 -4.74 10.03
N ILE A 99 -15.05 -4.86 10.86
CA ILE A 99 -14.90 -5.44 12.19
C ILE A 99 -14.33 -6.85 12.05
N ASN A 100 -13.56 -7.29 13.04
CA ASN A 100 -12.99 -8.63 13.00
C ASN A 100 -14.05 -9.70 13.27
N VAL A 101 -14.33 -10.50 12.26
CA VAL A 101 -15.37 -11.52 12.36
C VAL A 101 -14.76 -12.86 12.78
N LYS A 102 -15.31 -13.43 13.85
CA LYS A 102 -14.84 -14.72 14.37
C LYS A 102 -15.73 -15.86 13.89
N ASN B 5 2.73 22.12 9.69
CA ASN B 5 3.10 21.06 10.63
C ASN B 5 3.29 19.73 9.92
N TYR B 6 3.77 18.72 10.65
CA TYR B 6 4.15 17.45 10.04
C TYR B 6 2.96 16.55 9.73
N HIS B 7 1.96 16.54 10.60
CA HIS B 7 0.77 15.71 10.36
C HIS B 7 0.02 16.19 9.13
N LEU B 8 -0.07 17.51 8.98
CA LEU B 8 -0.70 18.10 7.81
C LEU B 8 0.03 17.66 6.55
N ALA B 9 1.35 17.79 6.56
CA ALA B 9 2.17 17.41 5.42
C ALA B 9 1.97 15.94 5.04
N ARG B 10 1.91 15.06 6.04
CA ARG B 10 1.67 13.65 5.77
C ARG B 10 0.31 13.43 5.14
N ARG B 11 -0.72 14.05 5.71
CA ARG B 11 -2.07 13.89 5.19
C ARG B 11 -2.15 14.35 3.73
N ARG B 12 -1.53 15.49 3.44
CA ARG B 12 -1.48 16.00 2.07
C ARG B 12 -0.76 15.03 1.15
N THR B 13 0.34 14.45 1.63
CA THR B 13 1.10 13.50 0.84
C THR B 13 0.23 12.30 0.48
N LEU B 14 -0.48 11.76 1.47
CA LEU B 14 -1.32 10.59 1.24
C LEU B 14 -2.50 10.92 0.35
N GLN B 15 -3.02 12.13 0.46
CA GLN B 15 -4.09 12.58 -0.42
C GLN B 15 -3.63 12.49 -1.87
N VAL B 16 -2.42 12.99 -2.12
CA VAL B 16 -1.87 13.00 -3.47
C VAL B 16 -1.61 11.57 -3.94
N VAL B 17 -1.11 10.73 -3.03
CA VAL B 17 -0.88 9.32 -3.36
C VAL B 17 -2.19 8.68 -3.77
N VAL B 18 -3.21 8.81 -2.93
CA VAL B 18 -4.53 8.23 -3.21
C VAL B 18 -5.07 8.78 -4.53
N SER B 19 -4.89 10.08 -4.76
CA SER B 19 -5.31 10.70 -6.00
C SER B 19 -4.67 10.01 -7.20
N SER B 20 -3.36 9.79 -7.12
CA SER B 20 -2.63 9.15 -8.20
C SER B 20 -3.11 7.71 -8.42
N LEU B 21 -3.36 7.00 -7.33
CA LEU B 21 -3.80 5.61 -7.42
C LEU B 21 -5.19 5.51 -8.04
N LEU B 22 -6.05 6.48 -7.74
CA LEU B 22 -7.41 6.49 -8.29
C LEU B 22 -7.39 6.86 -9.77
N THR B 23 -6.54 7.81 -10.13
CA THR B 23 -6.36 8.21 -11.52
C THR B 23 -5.87 7.02 -12.35
N GLU B 24 -4.93 6.28 -11.79
CA GLU B 24 -4.37 5.11 -12.47
C GLU B 24 -5.41 4.01 -12.60
N ALA B 25 -6.28 3.88 -11.60
CA ALA B 25 -7.31 2.85 -11.61
C ALA B 25 -8.38 3.14 -12.66
N GLY B 26 -8.46 4.40 -13.10
CA GLY B 26 -9.38 4.79 -14.15
C GLY B 26 -10.48 5.76 -13.72
N PHE B 27 -10.31 6.38 -12.54
CA PHE B 27 -11.27 7.36 -12.05
C PHE B 27 -10.84 8.77 -12.43
N GLU B 28 -11.82 9.61 -12.79
CA GLU B 28 -11.56 11.00 -13.11
C GLU B 28 -11.97 11.90 -11.93
N SER B 29 -12.90 11.41 -11.11
CA SER B 29 -13.35 12.15 -9.93
C SER B 29 -13.59 11.21 -8.77
N ALA B 30 -13.84 11.79 -7.60
CA ALA B 30 -14.12 11.00 -6.41
C ALA B 30 -14.82 11.83 -5.35
N GLU B 31 -15.80 11.24 -4.67
CA GLU B 31 -16.45 11.89 -3.54
C GLU B 31 -15.42 12.08 -2.44
N LYS B 32 -15.48 13.22 -1.75
CA LYS B 32 -14.51 13.53 -0.72
C LYS B 32 -14.43 12.44 0.34
N ALA B 33 -15.58 11.85 0.67
CA ALA B 33 -15.64 10.80 1.67
C ALA B 33 -14.83 9.59 1.25
N SER B 34 -14.83 9.29 -0.04
CA SER B 34 -14.14 8.12 -0.55
C SER B 34 -12.63 8.33 -0.50
N VAL B 35 -12.19 9.55 -0.81
CA VAL B 35 -10.76 9.88 -0.72
C VAL B 35 -10.30 9.83 0.73
N GLU B 36 -11.12 10.35 1.63
CA GLU B 36 -10.80 10.35 3.05
C GLU B 36 -10.70 8.93 3.58
N THR B 37 -11.65 8.08 3.18
CA THR B 37 -11.64 6.69 3.58
C THR B 37 -10.35 5.99 3.17
N LEU B 38 -9.96 6.15 1.91
CA LEU B 38 -8.79 5.45 1.40
C LEU B 38 -7.49 6.04 1.97
N THR B 39 -7.49 7.32 2.28
CA THR B 39 -6.33 7.94 2.91
C THR B 39 -6.12 7.31 4.28
N GLU B 40 -7.23 7.13 5.01
CA GLU B 40 -7.18 6.51 6.33
C GLU B 40 -6.74 5.06 6.23
N MET B 41 -7.32 4.33 5.29
CA MET B 41 -6.99 2.92 5.11
C MET B 41 -5.55 2.72 4.68
N LEU B 42 -5.02 3.67 3.91
CA LEU B 42 -3.64 3.59 3.45
C LEU B 42 -2.66 3.70 4.62
N GLN B 43 -2.80 4.73 5.44
CA GLN B 43 -1.87 4.92 6.55
C GLN B 43 -2.01 3.78 7.56
N SER B 44 -3.23 3.29 7.76
CA SER B 44 -3.47 2.22 8.72
C SER B 44 -2.89 0.90 8.24
N TYR B 45 -2.89 0.66 6.94
CA TYR B 45 -2.35 -0.58 6.40
C TYR B 45 -0.83 -0.60 6.56
N ILE B 46 -0.20 0.55 6.32
CA ILE B 46 1.25 0.66 6.51
C ILE B 46 1.59 0.33 7.94
N SER B 47 0.83 0.88 8.88
CA SER B 47 1.05 0.61 10.30
C SER B 47 0.81 -0.86 10.63
N GLU B 48 -0.19 -1.45 9.99
CA GLU B 48 -0.50 -2.86 10.23
C GLU B 48 0.67 -3.73 9.78
N ILE B 49 1.24 -3.42 8.62
CA ILE B 49 2.41 -4.14 8.13
C ILE B 49 3.53 -4.00 9.15
N GLY B 50 3.70 -2.80 9.69
CA GLY B 50 4.74 -2.55 10.67
C GLY B 50 4.60 -3.42 11.90
N ARG B 51 3.38 -3.51 12.43
CA ARG B 51 3.14 -4.33 13.60
C ARG B 51 3.43 -5.79 13.28
N SER B 52 2.93 -6.24 12.13
CA SER B 52 3.10 -7.62 11.70
C SER B 52 4.57 -7.94 11.50
N ALA B 53 5.28 -7.02 10.85
CA ALA B 53 6.69 -7.22 10.58
C ALA B 53 7.49 -7.23 11.88
N LYS B 54 7.12 -6.34 12.80
CA LYS B 54 7.76 -6.32 14.11
C LYS B 54 7.58 -7.67 14.81
N SER B 55 6.33 -8.10 14.91
CA SER B 55 5.99 -9.37 15.53
C SER B 55 6.78 -10.53 14.91
N TYR B 56 6.83 -10.55 13.58
CA TYR B 56 7.50 -11.63 12.87
C TYR B 56 9.00 -11.64 13.13
N CYS B 57 9.65 -10.50 12.91
CA CYS B 57 11.10 -10.42 12.93
C CYS B 57 11.70 -10.64 14.32
N GLU B 58 10.90 -10.45 15.36
CA GLU B 58 11.35 -10.68 16.73
C GLU B 58 11.69 -12.16 16.96
N HIS B 59 11.29 -13.00 16.02
CA HIS B 59 11.57 -14.43 16.10
C HIS B 59 12.91 -14.81 15.48
N THR B 60 13.47 -13.93 14.66
CA THR B 60 14.74 -14.20 13.98
C THR B 60 15.91 -13.82 14.88
N ALA B 61 17.04 -14.49 14.70
CA ALA B 61 18.23 -14.23 15.51
C ALA B 61 19.06 -13.10 14.91
N ARG B 62 18.63 -12.56 13.77
CA ARG B 62 19.34 -11.46 13.13
C ARG B 62 18.77 -10.12 13.58
N THR B 63 19.65 -9.22 13.99
CA THR B 63 19.23 -7.89 14.43
C THR B 63 18.47 -7.17 13.32
N GLN B 64 19.01 -7.22 12.11
CA GLN B 64 18.44 -6.50 10.97
C GLN B 64 17.33 -7.31 10.27
N PRO B 65 16.14 -6.70 10.10
CA PRO B 65 15.13 -7.32 9.23
C PRO B 65 15.63 -7.50 7.80
N THR B 66 15.18 -8.56 7.14
CA THR B 66 15.58 -8.83 5.77
C THR B 66 14.38 -8.64 4.85
N LEU B 67 14.63 -8.52 3.54
CA LEU B 67 13.54 -8.45 2.58
C LEU B 67 12.72 -9.75 2.64
N SER B 68 13.40 -10.86 2.83
CA SER B 68 12.73 -12.15 2.92
C SER B 68 11.72 -12.13 4.06
N ASP B 69 12.13 -11.63 5.22
CA ASP B 69 11.24 -11.52 6.37
C ASP B 69 9.95 -10.79 6.04
N ILE B 70 10.09 -9.66 5.33
CA ILE B 70 8.93 -8.83 4.98
C ILE B 70 8.02 -9.54 3.99
N VAL B 71 8.60 -10.28 3.04
CA VAL B 71 7.79 -11.04 2.10
C VAL B 71 6.96 -12.06 2.86
N VAL B 72 7.59 -12.75 3.81
CA VAL B 72 6.86 -13.74 4.61
C VAL B 72 5.77 -13.06 5.44
N THR B 73 6.09 -11.89 5.99
CA THR B 73 5.12 -11.13 6.76
C THR B 73 3.88 -10.83 5.94
N LEU B 74 4.10 -10.37 4.71
CA LEU B 74 2.99 -10.06 3.82
C LEU B 74 2.16 -11.31 3.56
N VAL B 75 2.82 -12.45 3.37
CA VAL B 75 2.10 -13.70 3.16
C VAL B 75 1.28 -14.03 4.40
N GLU B 76 1.88 -13.90 5.58
CA GLU B 76 1.18 -14.14 6.83
C GLU B 76 -0.08 -13.27 6.92
N MET B 77 0.02 -12.05 6.40
CA MET B 77 -1.10 -11.10 6.39
C MET B 77 -2.13 -11.43 5.33
N GLY B 78 -1.81 -12.40 4.47
CA GLY B 78 -2.73 -12.80 3.42
C GLY B 78 -2.56 -11.98 2.15
N PHE B 79 -1.50 -11.19 2.08
CA PHE B 79 -1.21 -10.41 0.88
C PHE B 79 -0.68 -11.33 -0.21
N ASN B 80 -1.17 -11.14 -1.43
CA ASN B 80 -0.73 -11.95 -2.57
C ASN B 80 0.52 -11.36 -3.20
N VAL B 81 1.67 -11.82 -2.73
CA VAL B 81 2.96 -11.28 -3.20
C VAL B 81 3.26 -11.63 -4.65
N ASP B 82 2.64 -12.68 -5.16
CA ASP B 82 2.87 -13.12 -6.54
C ASP B 82 2.55 -12.02 -7.56
N THR B 83 1.63 -11.14 -7.20
CA THR B 83 1.13 -10.14 -8.14
C THR B 83 1.90 -8.80 -8.06
N LEU B 84 2.78 -8.68 -7.07
CA LEU B 84 3.48 -7.41 -6.84
C LEU B 84 4.44 -7.01 -7.97
N PRO B 85 5.25 -7.95 -8.46
CA PRO B 85 6.20 -7.60 -9.52
C PRO B 85 5.51 -6.94 -10.71
N ALA B 86 4.40 -7.52 -11.16
CA ALA B 86 3.64 -6.95 -12.26
C ALA B 86 3.12 -5.56 -11.91
N TYR B 87 2.61 -5.39 -10.70
CA TYR B 87 2.07 -4.11 -10.28
C TYR B 87 3.16 -3.04 -10.21
N ALA B 88 4.34 -3.42 -9.73
CA ALA B 88 5.44 -2.48 -9.56
C ALA B 88 5.85 -1.85 -10.89
N LYS B 89 5.71 -2.60 -11.98
CA LYS B 89 6.11 -2.12 -13.30
C LYS B 89 5.16 -1.03 -13.80
N ARG B 90 3.87 -1.19 -13.52
CA ARG B 90 2.88 -0.19 -13.90
C ARG B 90 3.10 1.08 -13.09
N SER B 91 3.26 0.91 -11.78
CA SER B 91 3.41 2.02 -10.85
C SER B 91 4.55 2.95 -11.23
N GLN B 92 5.61 2.38 -11.81
CA GLN B 92 6.78 3.15 -12.18
C GLN B 92 6.43 4.18 -13.26
N ARG B 93 5.44 3.84 -14.08
CA ARG B 93 4.94 4.76 -15.09
C ARG B 93 4.11 5.88 -14.47
N MET B 94 3.51 5.57 -13.34
CA MET B 94 2.54 6.46 -12.70
C MET B 94 3.14 7.84 -12.39
N VAL B 95 2.30 8.87 -12.46
CA VAL B 95 2.73 10.24 -12.27
C VAL B 95 1.77 10.96 -11.33
N ILE B 96 2.31 11.90 -10.55
CA ILE B 96 1.49 12.71 -9.65
C ILE B 96 1.32 14.09 -10.25
N THR B 97 0.11 14.63 -10.15
CA THR B 97 -0.17 15.98 -10.63
C THR B 97 -1.28 16.63 -9.80
C1 GOL C . 16.28 -11.12 -0.41
O1 GOL C . 16.54 -10.84 -1.77
C2 GOL C . 17.42 -10.56 0.44
O2 GOL C . 17.82 -9.29 -0.02
C3 GOL C . 16.99 -10.47 1.90
O3 GOL C . 17.87 -9.61 2.58
H11 GOL C . 16.21 -12.19 -0.26
H12 GOL C . 15.34 -10.67 -0.11
HO1 GOL C . 15.85 -11.26 -2.32
H2 GOL C . 18.26 -11.25 0.39
HO2 GOL C . 17.08 -8.65 0.06
H31 GOL C . 17.01 -11.46 2.36
H32 GOL C . 15.97 -10.09 1.96
HO3 GOL C . 17.39 -9.15 3.29
CL CL D . -1.17 10.51 11.42
#